data_7T8I
#
_entry.id   7T8I
#
_cell.length_a   54.033
_cell.length_b   48.340
_cell.length_c   64.460
_cell.angle_alpha   90.000
_cell.angle_beta   97.474
_cell.angle_gamma   90.000
#
_symmetry.space_group_name_H-M   'I 1 2 1'
#
loop_
_entity.id
_entity.type
_entity.pdbx_description
1 polymer 'Phage element (ICEBs1)transcriptional regulator (Xre family)'
2 polymer 'Phage element (ICEBs1)transcriptional regulator (Xre family)'
3 water water
#
loop_
_entity_poly.entity_id
_entity_poly.type
_entity_poly.pdbx_seq_one_letter_code
_entity_poly.pdbx_strand_id
1 'polypeptide(L)' GAMSLG(MLZ)RLKEARQKAGYTQ(MLZ)EAAEKLNIGNNNLSNYERDYRDPDTDTLLKLSNLYNVSTDYLLGK A
2 'polypeptide(L)' GAMSLG(MLZ)RLKEARQKAGYTQKEAAEKLNIGNNNLSNYERDYRDPDTDTLLKLSNLYNVSTDYLLGK B
#
# COMPACT_ATOMS: atom_id res chain seq x y z
N ALA A 2 7.82 14.32 -9.66
CA ALA A 2 8.37 15.35 -8.74
C ALA A 2 7.71 15.29 -7.35
N MET A 3 6.54 14.65 -7.25
CA MET A 3 5.98 14.23 -5.97
C MET A 3 5.87 12.70 -5.91
N SER A 4 5.99 12.16 -4.71
CA SER A 4 6.20 10.73 -4.52
C SER A 4 5.73 10.32 -3.12
N LEU A 5 5.62 9.00 -2.94
CA LEU A 5 5.41 8.41 -1.63
C LEU A 5 6.55 8.74 -0.66
N GLY A 6 7.79 8.65 -1.13
CA GLY A 6 8.92 8.98 -0.29
C GLY A 6 8.71 10.36 0.32
N ARG A 8 6.02 12.19 0.72
CA ARG A 8 4.96 12.32 1.71
C ARG A 8 5.30 11.62 3.04
N LEU A 9 6.03 10.51 3.00
CA LEU A 9 6.46 9.87 4.23
C LEU A 9 7.38 10.79 5.01
N LYS A 10 8.31 11.44 4.31
CA LYS A 10 9.17 12.42 4.94
C LYS A 10 8.35 13.52 5.58
N GLU A 11 7.48 14.15 4.80
CA GLU A 11 6.71 15.25 5.34
C GLU A 11 5.82 14.80 6.48
N ALA A 12 5.19 13.63 6.35
CA ALA A 12 4.25 13.20 7.38
C ALA A 12 5.00 12.92 8.67
N ARG A 13 6.22 12.36 8.56
CA ARG A 13 7.07 12.10 9.74
C ARG A 13 7.50 13.39 10.43
N GLN A 14 7.92 14.37 9.64
CA GLN A 14 8.27 15.65 10.22
C GLN A 14 7.05 16.28 10.88
N LYS A 15 5.88 16.18 10.25
CA LYS A 15 4.69 16.70 10.91
C LYS A 15 4.43 15.99 12.25
N ALA A 16 4.76 14.71 12.35
CA ALA A 16 4.52 14.02 13.61
C ALA A 16 5.55 14.35 14.68
N GLY A 17 6.69 14.93 14.30
CA GLY A 17 7.73 15.29 15.21
C GLY A 17 8.90 14.35 15.26
N TYR A 18 8.85 13.20 14.58
CA TYR A 18 9.92 12.20 14.69
C TYR A 18 11.11 12.53 13.80
N THR A 19 12.31 12.27 14.30
CA THR A 19 13.48 12.18 13.45
C THR A 19 13.48 10.86 12.68
N GLN A 20 14.35 10.75 11.69
CA GLN A 20 14.40 9.53 10.90
C GLN A 20 14.68 8.30 11.80
N GLU A 22 14.42 8.06 15.19
CA GLU A 22 13.43 7.87 16.21
C GLU A 22 12.33 7.02 15.59
N ALA A 23 11.88 7.40 14.39
CA ALA A 23 10.82 6.68 13.69
C ALA A 23 11.24 5.26 13.32
N ALA A 24 12.46 5.12 12.79
CA ALA A 24 12.94 3.80 12.44
C ALA A 24 12.93 2.90 13.68
N GLU A 25 13.40 3.41 14.81
CA GLU A 25 13.49 2.60 16.02
C GLU A 25 12.11 2.23 16.56
N LYS A 26 11.16 3.17 16.53
CA LYS A 26 9.81 2.82 16.95
C LYS A 26 9.23 1.65 16.13
N LEU A 27 9.54 1.59 14.84
CA LEU A 27 8.98 0.57 13.97
C LEU A 27 9.90 -0.63 13.78
N ASN A 28 11.05 -0.62 14.45
CA ASN A 28 12.03 -1.70 14.34
C ASN A 28 12.32 -2.01 12.87
N ILE A 29 12.62 -0.97 12.13
CA ILE A 29 13.18 -1.08 10.79
CA ILE A 29 13.20 -1.11 10.80
C ILE A 29 14.50 -0.32 10.79
N GLY A 30 15.40 -0.72 9.92
CA GLY A 30 16.69 -0.07 9.90
C GLY A 30 16.56 1.38 9.48
N ASN A 31 17.47 2.20 10.01
CA ASN A 31 17.47 3.62 9.68
C ASN A 31 17.73 3.81 8.19
N ASN A 32 18.60 2.96 7.63
CA ASN A 32 18.89 2.96 6.21
C ASN A 32 17.69 2.56 5.40
N ASN A 33 16.89 1.64 5.92
CA ASN A 33 15.68 1.21 5.22
C ASN A 33 14.67 2.35 5.12
N LEU A 34 14.45 3.07 6.23
CA LEU A 34 13.52 4.19 6.19
C LEU A 34 14.02 5.29 5.28
N SER A 35 15.34 5.57 5.34
CA SER A 35 15.91 6.55 4.41
C SER A 35 15.70 6.13 2.97
N ASN A 36 15.90 4.84 2.65
CA ASN A 36 15.66 4.36 1.30
C ASN A 36 14.20 4.54 0.88
N TYR A 37 13.24 4.30 1.79
CA TYR A 37 11.84 4.58 1.43
C TYR A 37 11.62 6.07 1.17
N GLU A 38 12.05 6.93 2.11
CA GLU A 38 11.77 8.34 1.94
C GLU A 38 12.38 8.86 0.63
N ARG A 39 13.46 8.25 0.16
CA ARG A 39 14.18 8.69 -1.04
C ARG A 39 13.69 8.01 -2.32
N ASP A 40 12.68 7.18 -2.21
CA ASP A 40 12.09 6.45 -3.33
C ASP A 40 13.10 5.47 -3.93
N TYR A 41 14.04 4.99 -3.13
CA TYR A 41 14.96 3.95 -3.61
C TYR A 41 14.34 2.56 -3.48
N ARG A 42 13.45 2.37 -2.51
CA ARG A 42 12.78 1.11 -2.27
C ARG A 42 11.33 1.36 -1.89
N ASP A 43 10.44 0.51 -2.43
CA ASP A 43 8.99 0.52 -2.17
C ASP A 43 8.67 -0.19 -0.86
N PRO A 44 8.04 0.48 0.12
CA PRO A 44 7.63 -0.23 1.35
C PRO A 44 6.66 -1.37 1.07
N ASP A 45 6.85 -2.49 1.78
CA ASP A 45 5.83 -3.51 1.64
C ASP A 45 4.58 -3.02 2.37
N THR A 46 3.42 -3.56 1.98
CA THR A 46 2.15 -2.99 2.41
C THR A 46 2.03 -2.96 3.93
N ASP A 47 2.65 -3.93 4.61
CA ASP A 47 2.69 -4.00 6.09
C ASP A 47 3.41 -2.81 6.71
N THR A 48 4.60 -2.51 6.17
CA THR A 48 5.38 -1.37 6.61
C THR A 48 4.64 -0.07 6.30
N LEU A 49 4.00 0.03 5.13
CA LEU A 49 3.23 1.21 4.74
C LEU A 49 2.13 1.52 5.74
N LEU A 50 1.38 0.49 6.15
CA LEU A 50 0.34 0.68 7.17
C LEU A 50 0.93 1.09 8.52
N LYS A 51 2.03 0.45 8.95
CA LYS A 51 2.65 0.83 10.22
C LYS A 51 3.10 2.29 10.22
N LEU A 52 3.74 2.72 9.13
CA LEU A 52 4.18 4.11 9.08
C LEU A 52 2.98 5.05 9.05
N SER A 53 1.94 4.72 8.29
CA SER A 53 0.78 5.60 8.30
C SER A 53 0.20 5.68 9.72
N ASN A 54 0.27 4.58 10.45
CA ASN A 54 -0.17 4.59 11.85
C ASN A 54 0.73 5.48 12.69
N LEU A 55 2.04 5.43 12.46
CA LEU A 55 2.95 6.18 13.32
C LEU A 55 2.84 7.66 13.09
N TYR A 56 2.53 8.07 11.87
CA TYR A 56 2.39 9.49 11.56
C TYR A 56 0.98 10.03 11.65
N ASN A 57 -0.01 9.20 11.92
CA ASN A 57 -1.39 9.65 11.99
C ASN A 57 -1.97 10.14 10.66
N VAL A 58 -1.62 9.48 9.55
CA VAL A 58 -2.10 9.87 8.22
C VAL A 58 -2.69 8.65 7.52
N SER A 59 -3.48 8.91 6.51
CA SER A 59 -4.11 7.87 5.69
C SER A 59 -3.13 7.30 4.66
N THR A 60 -3.26 6.01 4.41
CA THR A 60 -2.39 5.41 3.38
C THR A 60 -2.73 5.98 1.99
N ASP A 61 -4.02 6.25 1.78
CA ASP A 61 -4.50 7.05 0.65
C ASP A 61 -3.74 8.36 0.51
N TYR A 62 -3.44 9.04 1.62
CA TYR A 62 -2.69 10.28 1.56
C TYR A 62 -1.28 10.00 1.06
N LEU A 63 -0.61 9.06 1.69
CA LEU A 63 0.76 8.83 1.32
C LEU A 63 0.86 8.40 -0.13
N LEU A 64 -0.16 7.74 -0.62
CA LEU A 64 -0.10 7.20 -1.97
C LEU A 64 -0.44 8.22 -3.03
N GLY A 65 -0.99 9.36 -2.64
CA GLY A 65 -1.43 10.32 -3.63
C GLY A 65 -2.80 10.02 -4.20
N LYS A 66 -3.71 9.56 -3.35
CA LYS A 66 -5.11 9.49 -3.68
C LYS A 66 -5.73 10.79 -3.17
N ALA B 2 -7.10 -14.31 9.59
CA ALA B 2 -8.33 -14.82 8.91
C ALA B 2 -9.00 -13.75 8.04
N MET B 3 -8.71 -12.47 8.26
CA MET B 3 -9.03 -11.43 7.28
C MET B 3 -7.72 -10.85 6.76
N SER B 4 -7.73 -10.38 5.52
CA SER B 4 -6.49 -10.08 4.83
C SER B 4 -6.74 -9.09 3.70
N LEU B 5 -5.64 -8.51 3.18
CA LEU B 5 -5.73 -7.65 2.01
C LEU B 5 -6.33 -8.40 0.82
N GLY B 6 -5.86 -9.63 0.57
CA GLY B 6 -6.38 -10.45 -0.50
C GLY B 6 -7.88 -10.65 -0.48
N ARG B 8 -10.10 -8.63 1.07
CA ARG B 8 -10.77 -7.38 0.77
C ARG B 8 -10.60 -7.05 -0.74
N LEU B 9 -9.50 -7.43 -1.38
CA LEU B 9 -9.40 -7.18 -2.82
C LEU B 9 -10.43 -7.99 -3.57
N LYS B 10 -10.55 -9.28 -3.24
CA LYS B 10 -11.63 -10.07 -3.82
C LYS B 10 -12.98 -9.40 -3.57
N GLU B 11 -13.28 -9.10 -2.33
CA GLU B 11 -14.60 -8.57 -2.00
C GLU B 11 -14.88 -7.23 -2.70
N ALA B 12 -13.87 -6.35 -2.77
CA ALA B 12 -14.05 -5.07 -3.41
C ALA B 12 -14.28 -5.23 -4.91
N ARG B 13 -13.54 -6.17 -5.55
CA ARG B 13 -13.73 -6.48 -6.97
C ARG B 13 -15.13 -7.02 -7.23
N GLN B 14 -15.60 -7.90 -6.36
CA GLN B 14 -16.95 -8.42 -6.49
C GLN B 14 -17.95 -7.30 -6.34
N LYS B 15 -17.73 -6.39 -5.40
CA LYS B 15 -18.66 -5.27 -5.30
C LYS B 15 -18.67 -4.43 -6.57
N ALA B 16 -17.49 -4.25 -7.22
CA ALA B 16 -17.42 -3.41 -8.42
C ALA B 16 -18.00 -4.09 -9.65
N GLY B 17 -18.20 -5.40 -9.61
CA GLY B 17 -18.83 -6.13 -10.68
C GLY B 17 -17.90 -6.90 -11.55
N TYR B 18 -16.58 -6.76 -11.38
CA TYR B 18 -15.63 -7.41 -12.27
C TYR B 18 -15.40 -8.87 -11.89
N THR B 19 -15.24 -9.71 -12.93
CA THR B 19 -14.57 -10.99 -12.80
C THR B 19 -13.07 -10.77 -12.65
N GLN B 20 -12.36 -11.84 -12.27
CA GLN B 20 -10.91 -11.72 -12.10
C GLN B 20 -10.23 -11.31 -13.39
N LYS B 21 -10.53 -12.00 -14.46
CA LYS B 21 -9.85 -11.72 -15.73
C LYS B 21 -10.29 -10.37 -16.26
N GLU B 22 -11.51 -9.97 -15.97
CA GLU B 22 -11.95 -8.65 -16.38
C GLU B 22 -11.10 -7.59 -15.70
N ALA B 23 -10.88 -7.74 -14.39
CA ALA B 23 -10.09 -6.78 -13.63
C ALA B 23 -8.62 -6.80 -14.04
N ALA B 24 -8.05 -8.00 -14.19
CA ALA B 24 -6.66 -8.13 -14.59
C ALA B 24 -6.42 -7.51 -15.95
N GLU B 25 -7.28 -7.82 -16.91
CA GLU B 25 -7.08 -7.26 -18.26
C GLU B 25 -7.21 -5.75 -18.26
N LYS B 26 -8.21 -5.22 -17.54
CA LYS B 26 -8.29 -3.77 -17.41
C LYS B 26 -7.06 -3.16 -16.75
N LEU B 27 -6.43 -3.87 -15.82
CA LEU B 27 -5.24 -3.34 -15.16
C LEU B 27 -3.97 -3.80 -15.84
N ASN B 28 -4.08 -4.54 -16.95
CA ASN B 28 -2.92 -5.03 -17.69
C ASN B 28 -1.95 -5.75 -16.77
N ILE B 29 -2.51 -6.56 -15.89
CA ILE B 29 -1.75 -7.50 -15.08
C ILE B 29 -2.19 -8.91 -15.44
N GLY B 30 -1.25 -9.85 -15.45
CA GLY B 30 -1.59 -11.23 -15.75
C GLY B 30 -2.64 -11.78 -14.80
N ASN B 31 -3.44 -12.73 -15.29
CA ASN B 31 -4.52 -13.22 -14.44
C ASN B 31 -3.99 -13.91 -13.18
N ASN B 32 -2.91 -14.68 -13.33
CA ASN B 32 -2.36 -15.39 -12.18
C ASN B 32 -1.88 -14.44 -11.10
N ASN B 33 -1.39 -13.25 -11.48
CA ASN B 33 -0.95 -12.28 -10.48
C ASN B 33 -2.10 -11.77 -9.62
N LEU B 34 -3.23 -11.43 -10.23
CA LEU B 34 -4.36 -10.98 -9.43
C LEU B 34 -4.87 -12.12 -8.55
N SER B 35 -4.86 -13.34 -9.09
CA SER B 35 -5.24 -14.50 -8.29
C SER B 35 -4.31 -14.65 -7.09
N ASN B 36 -3.01 -14.51 -7.32
CA ASN B 36 -2.02 -14.58 -6.25
C ASN B 36 -2.25 -13.49 -5.19
N TYR B 37 -2.63 -12.29 -5.61
CA TYR B 37 -2.90 -11.20 -4.64
C TYR B 37 -4.13 -11.52 -3.79
N GLU B 38 -5.24 -11.93 -4.43
CA GLU B 38 -6.46 -12.16 -3.68
C GLU B 38 -6.29 -13.30 -2.67
N ARG B 39 -5.41 -14.27 -2.96
CA ARG B 39 -5.17 -15.41 -2.09
C ARG B 39 -4.10 -15.16 -1.03
N ASP B 40 -3.53 -13.97 -1.02
CA ASP B 40 -2.46 -13.56 -0.10
C ASP B 40 -1.18 -14.34 -0.35
N TYR B 41 -0.98 -14.77 -1.58
CA TYR B 41 0.26 -15.44 -1.96
C TYR B 41 1.32 -14.44 -2.39
N ARG B 42 0.94 -13.22 -2.72
CA ARG B 42 1.86 -12.20 -3.19
CA ARG B 42 1.86 -12.20 -3.19
C ARG B 42 1.40 -10.85 -2.66
N ASP B 43 2.34 -10.09 -2.13
CA ASP B 43 2.07 -8.75 -1.67
C ASP B 43 2.16 -7.81 -2.85
N PRO B 44 1.09 -7.13 -3.24
CA PRO B 44 1.14 -6.12 -4.33
C PRO B 44 2.07 -4.94 -4.03
N ASP B 45 2.78 -4.47 -5.06
CA ASP B 45 3.54 -3.24 -4.91
C ASP B 45 2.56 -2.08 -4.78
N THR B 46 3.03 -0.98 -4.18
CA THR B 46 2.12 0.10 -3.79
C THR B 46 1.44 0.77 -4.98
N ASP B 47 2.11 0.80 -6.14
CA ASP B 47 1.53 1.32 -7.39
C ASP B 47 0.30 0.52 -7.80
N THR B 48 0.47 -0.80 -7.82
CA THR B 48 -0.61 -1.75 -8.12
C THR B 48 -1.73 -1.65 -7.09
N LEU B 49 -1.35 -1.55 -5.82
CA LEU B 49 -2.33 -1.41 -4.77
C LEU B 49 -3.22 -0.22 -5.03
N LEU B 50 -2.61 0.91 -5.41
CA LEU B 50 -3.39 2.10 -5.77
C LEU B 50 -4.24 1.89 -7.03
N LYS B 51 -3.68 1.25 -8.08
CA LYS B 51 -4.44 0.99 -9.30
C LYS B 51 -5.69 0.16 -8.99
N LEU B 52 -5.56 -0.82 -8.09
CA LEU B 52 -6.68 -1.67 -7.72
CA LEU B 52 -6.69 -1.66 -7.75
C LEU B 52 -7.69 -0.91 -6.88
N SER B 53 -7.23 -0.14 -5.90
CA SER B 53 -8.17 0.71 -5.17
C SER B 53 -8.96 1.57 -6.16
N ASN B 54 -8.26 2.07 -7.16
CA ASN B 54 -8.85 2.95 -8.14
C ASN B 54 -9.90 2.23 -8.97
N LEU B 55 -9.61 0.97 -9.37
CA LEU B 55 -10.52 0.23 -10.25
C LEU B 55 -11.75 -0.21 -9.51
N TYR B 56 -11.61 -0.55 -8.22
CA TYR B 56 -12.74 -0.99 -7.42
C TYR B 56 -13.41 0.14 -6.62
N ASN B 57 -12.92 1.36 -6.71
CA ASN B 57 -13.61 2.50 -6.07
C ASN B 57 -13.61 2.45 -4.54
N VAL B 58 -12.52 1.99 -3.93
CA VAL B 58 -12.36 1.91 -2.48
C VAL B 58 -11.04 2.60 -2.11
N SER B 59 -10.91 2.95 -0.84
CA SER B 59 -9.67 3.52 -0.31
C SER B 59 -8.65 2.45 0.01
N THR B 60 -7.36 2.75 -0.20
CA THR B 60 -6.35 1.78 0.18
C THR B 60 -6.34 1.52 1.70
N ASP B 61 -6.69 2.55 2.50
CA ASP B 61 -7.00 2.36 3.91
C ASP B 61 -8.00 1.24 4.17
N TYR B 62 -9.05 1.13 3.33
CA TYR B 62 -10.02 0.05 3.51
C TYR B 62 -9.33 -1.30 3.27
N LEU B 63 -8.60 -1.43 2.16
CA LEU B 63 -8.01 -2.71 1.83
C LEU B 63 -7.00 -3.13 2.90
N LEU B 64 -6.33 -2.18 3.53
CA LEU B 64 -5.26 -2.57 4.42
C LEU B 64 -5.76 -2.93 5.80
N GLY B 65 -7.02 -2.63 6.13
CA GLY B 65 -7.45 -2.93 7.50
C GLY B 65 -7.03 -1.88 8.51
N LYS B 66 -7.45 -0.62 8.34
CA LYS B 66 -7.06 0.46 9.24
C LYS B 66 -7.79 0.37 10.59
#